data_9LIE
#
_entry.id   9LIE
#
_cell.length_a   33.875
_cell.length_b   57.343
_cell.length_c   66.628
_cell.angle_alpha   90.000
_cell.angle_beta   90.000
_cell.angle_gamma   90.000
#
_symmetry.space_group_name_H-M   'P 21 21 21'
#
loop_
_entity.id
_entity.type
_entity.pdbx_description
1 polymer 'Aciniform spidroin 1'
2 water water
#
_entity_poly.entity_id   1
_entity_poly.type   'polypeptide(L)'
_entity_poly.pdbx_seq_one_letter_code
;GGDATAKLLQALVPALLKSDVFRAIYKRGTRKQVVQYVTNSALQQAASSLGLDASTISQLQTKATQALSSVSADSDSTAY
AKAFGLAIAQVLGTSGQVNDANVNQIGAKLATGILRGSSAVAPRLGIDLSGINVDSDIGSVTSLILSGSTL
;
_entity_poly.pdbx_strand_id   A
#
# COMPACT_ATOMS: atom_id res chain seq x y z
N ALA A 4 -0.27 17.85 -1.05
CA ALA A 4 0.10 17.01 0.13
C ALA A 4 0.99 15.85 -0.30
N THR A 5 1.45 15.83 -1.55
CA THR A 5 2.25 14.71 -2.08
C THR A 5 3.43 14.39 -1.15
N ALA A 6 4.21 15.37 -0.70
CA ALA A 6 5.45 15.07 0.10
C ALA A 6 5.11 14.40 1.42
N LYS A 7 4.18 14.98 2.18
CA LYS A 7 3.84 14.41 3.47
C LYS A 7 3.12 13.09 3.31
N LEU A 8 2.33 12.93 2.24
CA LEU A 8 1.66 11.66 2.01
C LEU A 8 2.67 10.55 1.76
N LEU A 9 3.69 10.81 0.91
CA LEU A 9 4.76 9.83 0.72
C LEU A 9 5.49 9.57 2.03
N GLN A 10 5.76 10.62 2.81
CA GLN A 10 6.51 10.47 4.04
C GLN A 10 5.74 9.72 5.10
N ALA A 11 4.42 9.70 5.04
CA ALA A 11 3.68 8.88 5.97
C ALA A 11 3.58 7.44 5.47
N LEU A 12 3.11 7.28 4.24
CA LEU A 12 2.75 5.96 3.76
C LEU A 12 3.95 5.09 3.45
N VAL A 13 4.92 5.61 2.71
CA VAL A 13 5.95 4.73 2.21
C VAL A 13 6.82 4.17 3.34
N PRO A 14 7.24 4.97 4.33
CA PRO A 14 7.97 4.37 5.45
C PRO A 14 7.19 3.28 6.17
N ALA A 15 5.87 3.45 6.30
CA ALA A 15 5.07 2.40 6.92
C ALA A 15 5.17 1.11 6.11
N LEU A 16 5.04 1.22 4.80
CA LEU A 16 5.15 0.01 3.98
C LEU A 16 6.55 -0.58 4.06
N LEU A 17 7.58 0.26 4.07
CA LEU A 17 8.95 -0.21 4.14
C LEU A 17 9.25 -0.90 5.46
N LYS A 18 8.59 -0.50 6.54
CA LYS A 18 8.85 -1.09 7.89
C LYS A 18 7.93 -2.29 8.15
N SER A 19 7.00 -2.58 7.25
CA SER A 19 6.02 -3.65 7.48
C SER A 19 6.58 -5.05 7.19
N ASP A 20 6.41 -5.96 8.15
CA ASP A 20 6.81 -7.37 7.93
C ASP A 20 5.82 -8.06 6.98
N VAL A 21 4.54 -7.70 7.05
CA VAL A 21 3.51 -8.26 6.14
C VAL A 21 3.89 -7.88 4.70
N PHE A 22 4.19 -6.61 4.51
CA PHE A 22 4.45 -6.14 3.12
C PHE A 22 5.67 -6.89 2.56
N ARG A 23 6.74 -6.98 3.36
CA ARG A 23 7.99 -7.65 2.92
C ARG A 23 7.75 -9.11 2.57
N ALA A 24 6.85 -9.76 3.29
CA ALA A 24 6.60 -11.20 3.02
C ALA A 24 5.77 -11.37 1.76
N ILE A 25 4.95 -10.39 1.41
CA ILE A 25 4.03 -10.55 0.26
C ILE A 25 4.67 -10.03 -1.03
N TYR A 26 5.22 -8.83 -0.96
CA TYR A 26 5.76 -8.21 -2.21
C TYR A 26 7.24 -8.57 -2.30
N LYS A 27 7.49 -9.86 -2.49
CA LYS A 27 8.88 -10.38 -2.50
C LYS A 27 9.52 -10.30 -3.90
N ARG A 28 10.83 -10.11 -3.88
CA ARG A 28 11.61 -10.16 -5.14
C ARG A 28 11.19 -11.40 -5.98
N GLY A 29 10.94 -11.17 -7.27
CA GLY A 29 10.68 -12.30 -8.18
C GLY A 29 9.25 -12.81 -8.17
N THR A 30 8.38 -12.24 -7.34
CA THR A 30 6.97 -12.64 -7.33
C THR A 30 6.42 -12.52 -8.73
N ARG A 31 5.63 -13.53 -9.11
CA ARG A 31 4.98 -13.48 -10.44
C ARG A 31 4.21 -12.18 -10.59
N LYS A 32 4.32 -11.55 -11.74
CA LYS A 32 3.68 -10.23 -11.95
C LYS A 32 2.15 -10.30 -11.75
N GLN A 33 1.52 -11.38 -12.19
CA GLN A 33 0.05 -11.48 -12.08
C GLN A 33 -0.31 -11.59 -10.59
N VAL A 34 0.49 -12.28 -9.79
CA VAL A 34 0.25 -12.39 -8.32
C VAL A 34 0.36 -10.98 -7.69
N VAL A 35 1.40 -10.24 -8.05
CA VAL A 35 1.54 -8.85 -7.52
C VAL A 35 0.33 -8.02 -7.94
N GLN A 36 -0.05 -8.08 -9.23
CA GLN A 36 -1.15 -7.23 -9.71
C GLN A 36 -2.43 -7.59 -8.97
N TYR A 37 -2.69 -8.86 -8.78
CA TYR A 37 -3.94 -9.28 -8.12
C TYR A 37 -3.96 -8.76 -6.68
N VAL A 38 -2.89 -9.05 -5.91
CA VAL A 38 -2.87 -8.62 -4.49
C VAL A 38 -2.93 -7.09 -4.41
N THR A 39 -2.24 -6.40 -5.30
CA THR A 39 -2.25 -4.92 -5.29
C THR A 39 -3.68 -4.43 -5.52
N ASN A 40 -4.31 -4.96 -6.56
CA ASN A 40 -5.69 -4.54 -6.89
C ASN A 40 -6.60 -4.72 -5.67
N SER A 41 -6.54 -5.90 -5.08
CA SER A 41 -7.38 -6.21 -3.90
C SER A 41 -7.06 -5.27 -2.73
N ALA A 42 -5.78 -5.07 -2.46
CA ALA A 42 -5.34 -4.23 -1.31
C ALA A 42 -5.78 -2.78 -1.50
N LEU A 43 -5.66 -2.29 -2.72
CA LEU A 43 -6.02 -0.87 -2.97
C LEU A 43 -7.55 -0.70 -2.92
N GLN A 44 -8.29 -1.69 -3.42
CA GLN A 44 -9.77 -1.59 -3.34
C GLN A 44 -10.17 -1.54 -1.85
N GLN A 45 -9.55 -2.37 -1.03
CA GLN A 45 -9.90 -2.41 0.41
C GLN A 45 -9.51 -1.08 1.07
N ALA A 46 -8.30 -0.63 0.83
CA ALA A 46 -7.79 0.59 1.50
C ALA A 46 -8.58 1.81 1.02
N ALA A 47 -8.78 1.93 -0.29
CA ALA A 47 -9.42 3.17 -0.81
C ALA A 47 -10.89 3.19 -0.42
N SER A 48 -11.52 2.04 -0.44
CA SER A 48 -12.97 2.01 -0.12
C SER A 48 -13.17 2.32 1.37
N SER A 49 -12.18 1.98 2.20
CA SER A 49 -12.27 2.32 3.65
C SER A 49 -12.26 3.85 3.84
N LEU A 50 -11.71 4.60 2.88
CA LEU A 50 -11.70 6.08 2.96
C LEU A 50 -13.01 6.65 2.40
N GLY A 51 -13.84 5.81 1.80
CA GLY A 51 -15.10 6.29 1.20
C GLY A 51 -14.92 6.94 -0.16
N LEU A 52 -13.81 6.65 -0.83
CA LEU A 52 -13.55 7.30 -2.13
C LEU A 52 -14.56 6.86 -3.19
N ASP A 53 -14.86 7.80 -4.10
CA ASP A 53 -15.74 7.45 -5.24
C ASP A 53 -15.08 6.42 -6.14
N ALA A 54 -15.90 5.74 -6.94
CA ALA A 54 -15.39 4.64 -7.79
C ALA A 54 -14.45 5.14 -8.88
N SER A 55 -14.66 6.38 -9.38
CA SER A 55 -13.78 6.88 -10.46
C SER A 55 -12.38 7.15 -9.90
N THR A 56 -12.30 7.71 -8.70
CA THR A 56 -10.98 7.90 -8.05
C THR A 56 -10.30 6.56 -7.81
N ILE A 57 -11.06 5.57 -7.36
CA ILE A 57 -10.45 4.23 -7.12
C ILE A 57 -9.98 3.63 -8.47
N SER A 58 -10.75 3.80 -9.54
CA SER A 58 -10.32 3.30 -10.86
C SER A 58 -9.00 3.97 -11.28
N GLN A 59 -8.88 5.26 -11.02
CA GLN A 59 -7.64 5.99 -11.39
C GLN A 59 -6.49 5.45 -10.56
N LEU A 60 -6.73 5.21 -9.28
CA LEU A 60 -5.68 4.64 -8.41
C LEU A 60 -5.24 3.28 -8.98
N GLN A 61 -6.19 2.44 -9.38
CA GLN A 61 -5.82 1.10 -9.91
C GLN A 61 -5.01 1.26 -11.21
N THR A 62 -5.38 2.17 -12.09
CA THR A 62 -4.63 2.36 -13.34
C THR A 62 -3.23 2.83 -13.00
N LYS A 63 -3.11 3.80 -12.10
CA LYS A 63 -1.78 4.36 -11.80
C LYS A 63 -0.93 3.27 -11.10
N ALA A 64 -1.54 2.44 -10.28
CA ALA A 64 -0.78 1.39 -9.58
C ALA A 64 -0.30 0.36 -10.59
N THR A 65 -1.14 0.04 -11.60
CA THR A 65 -0.67 -0.86 -12.67
C THR A 65 0.52 -0.25 -13.39
N GLN A 66 0.45 1.02 -13.74
CA GLN A 66 1.56 1.69 -14.46
C GLN A 66 2.82 1.64 -13.57
N ALA A 67 2.68 1.90 -12.27
CA ALA A 67 3.86 1.91 -11.36
C ALA A 67 4.43 0.49 -11.20
N LEU A 68 3.57 -0.50 -11.08
CA LEU A 68 4.06 -1.90 -11.01
C LEU A 68 4.83 -2.26 -12.28
N SER A 69 4.40 -1.76 -13.44
CA SER A 69 5.06 -2.18 -14.69
C SER A 69 6.52 -1.71 -14.71
N SER A 70 6.84 -0.70 -13.90
CA SER A 70 8.24 -0.19 -13.83
C SER A 70 9.11 -1.06 -12.89
N VAL A 71 8.53 -1.98 -12.13
CA VAL A 71 9.31 -2.77 -11.13
C VAL A 71 9.92 -4.01 -11.79
N SER A 72 11.24 -4.10 -11.77
CA SER A 72 11.93 -5.25 -12.42
C SER A 72 11.71 -6.55 -11.65
N ALA A 73 11.98 -7.67 -12.32
CA ALA A 73 11.83 -9.00 -11.68
C ALA A 73 12.89 -9.23 -10.61
N ASP A 74 13.97 -8.45 -10.67
CA ASP A 74 15.05 -8.60 -9.69
C ASP A 74 14.93 -7.58 -8.54
N SER A 75 13.90 -6.76 -8.57
CA SER A 75 13.72 -5.71 -7.54
C SER A 75 13.22 -6.33 -6.21
N ASP A 76 13.63 -5.71 -5.10
CA ASP A 76 13.21 -6.16 -3.76
C ASP A 76 11.88 -5.51 -3.36
N SER A 77 11.38 -5.93 -2.20
CA SER A 77 10.11 -5.41 -1.65
C SER A 77 10.14 -3.86 -1.58
N THR A 78 11.32 -3.29 -1.35
CA THR A 78 11.41 -1.82 -1.23
C THR A 78 10.89 -1.15 -2.48
N ALA A 79 11.15 -1.72 -3.66
CA ALA A 79 10.70 -1.10 -4.92
C ALA A 79 9.17 -1.15 -5.02
N TYR A 80 8.55 -2.20 -4.50
CA TYR A 80 7.08 -2.27 -4.54
C TYR A 80 6.47 -1.22 -3.58
N ALA A 81 7.10 -1.03 -2.41
CA ALA A 81 6.57 -0.03 -1.47
C ALA A 81 6.55 1.34 -2.16
N LYS A 82 7.64 1.65 -2.86
CA LYS A 82 7.76 2.95 -3.55
C LYS A 82 6.69 3.07 -4.65
N ALA A 83 6.43 1.96 -5.35
CA ALA A 83 5.43 1.98 -6.44
C ALA A 83 4.04 2.29 -5.87
N PHE A 84 3.71 1.69 -4.74
CA PHE A 84 2.42 2.05 -4.08
C PHE A 84 2.39 3.54 -3.78
N GLY A 85 3.48 4.04 -3.19
CA GLY A 85 3.53 5.48 -2.85
C GLY A 85 3.37 6.35 -4.08
N LEU A 86 4.07 5.99 -5.15
CA LEU A 86 4.01 6.80 -6.39
C LEU A 86 2.55 6.90 -6.86
N ALA A 87 1.88 5.75 -6.96
CA ALA A 87 0.50 5.75 -7.51
C ALA A 87 -0.45 6.50 -6.58
N ILE A 88 -0.34 6.22 -5.29
CA ILE A 88 -1.27 6.88 -4.33
C ILE A 88 -1.06 8.40 -4.32
N ALA A 89 0.20 8.82 -4.30
CA ALA A 89 0.47 10.27 -4.25
C ALA A 89 0.03 10.92 -5.58
N GLN A 90 0.22 10.24 -6.70
CA GLN A 90 -0.18 10.80 -8.01
C GLN A 90 -1.70 11.07 -8.03
N VAL A 91 -2.46 10.15 -7.48
CA VAL A 91 -3.94 10.30 -7.56
C VAL A 91 -4.47 11.19 -6.44
N LEU A 92 -3.92 11.09 -5.22
CA LEU A 92 -4.56 11.79 -4.07
C LEU A 92 -3.84 13.04 -3.59
N GLY A 93 -2.64 13.30 -4.08
CA GLY A 93 -1.84 14.41 -3.52
C GLY A 93 -2.43 15.79 -3.66
N THR A 94 -3.15 16.08 -4.74
CA THR A 94 -3.60 17.47 -5.00
C THR A 94 -5.09 17.60 -5.28
N SER A 95 -5.87 16.54 -5.26
CA SER A 95 -7.29 16.62 -5.69
C SER A 95 -8.21 17.26 -4.64
N GLY A 96 -7.81 17.26 -3.34
CA GLY A 96 -8.70 17.77 -2.26
C GLY A 96 -9.06 16.69 -1.26
N GLN A 97 -8.77 15.43 -1.60
CA GLN A 97 -9.00 14.30 -0.68
C GLN A 97 -8.04 14.35 0.52
N VAL A 98 -6.88 14.98 0.32
CA VAL A 98 -5.82 14.93 1.35
C VAL A 98 -5.26 16.34 1.53
N ASN A 99 -5.17 16.78 2.77
CA ASN A 99 -4.56 18.10 3.05
C ASN A 99 -3.64 17.93 4.26
N ASP A 100 -3.07 19.03 4.72
CA ASP A 100 -2.14 18.93 5.87
C ASP A 100 -2.85 18.42 7.14
N ALA A 101 -4.11 18.78 7.30
CA ALA A 101 -4.83 18.39 8.53
C ALA A 101 -5.08 16.87 8.59
N ASN A 102 -5.19 16.20 7.42
CA ASN A 102 -5.52 14.74 7.49
C ASN A 102 -4.46 13.85 6.82
N VAL A 103 -3.36 14.40 6.34
CA VAL A 103 -2.43 13.58 5.50
C VAL A 103 -1.87 12.38 6.30
N ASN A 104 -1.49 12.60 7.56
CA ASN A 104 -0.91 11.47 8.34
C ASN A 104 -2.00 10.42 8.58
N GLN A 105 -3.20 10.87 8.94
CA GLN A 105 -4.31 9.93 9.21
C GLN A 105 -4.65 9.14 7.94
N ILE A 106 -4.67 9.83 6.80
CA ILE A 106 -4.95 9.13 5.52
C ILE A 106 -3.81 8.12 5.28
N GLY A 107 -2.55 8.51 5.47
CA GLY A 107 -1.47 7.55 5.30
C GLY A 107 -1.65 6.33 6.19
N ALA A 108 -2.03 6.56 7.45
CA ALA A 108 -2.17 5.41 8.39
C ALA A 108 -3.34 4.51 7.95
N LYS A 109 -4.42 5.13 7.50
CA LYS A 109 -5.60 4.30 7.11
C LYS A 109 -5.29 3.54 5.81
N LEU A 110 -4.57 4.18 4.88
CA LEU A 110 -4.16 3.46 3.66
C LEU A 110 -3.21 2.31 4.02
N ALA A 111 -2.23 2.57 4.87
CA ALA A 111 -1.29 1.50 5.28
C ALA A 111 -2.07 0.35 5.92
N THR A 112 -2.98 0.67 6.82
CA THR A 112 -3.82 -0.36 7.48
C THR A 112 -4.53 -1.19 6.43
N GLY A 113 -5.20 -0.52 5.49
CA GLY A 113 -5.97 -1.26 4.47
C GLY A 113 -5.10 -2.07 3.53
N ILE A 114 -3.97 -1.51 3.11
CA ILE A 114 -3.04 -2.24 2.22
C ILE A 114 -2.51 -3.51 2.94
N LEU A 115 -2.12 -3.37 4.21
CA LEU A 115 -1.55 -4.53 4.92
C LEU A 115 -2.66 -5.57 5.20
N ARG A 116 -3.80 -5.12 5.70
CA ARG A 116 -4.89 -6.08 6.00
C ARG A 116 -5.42 -6.70 4.69
N GLY A 117 -5.63 -5.88 3.68
CA GLY A 117 -6.17 -6.39 2.42
C GLY A 117 -5.20 -7.34 1.72
N SER A 118 -3.91 -7.00 1.71
CA SER A 118 -2.90 -7.91 1.12
C SER A 118 -2.86 -9.22 1.90
N SER A 119 -2.86 -9.14 3.21
CA SER A 119 -2.73 -10.37 4.03
C SER A 119 -3.97 -11.26 3.85
N ALA A 120 -5.13 -10.67 3.54
CA ALA A 120 -6.35 -11.48 3.44
C ALA A 120 -6.29 -12.41 2.23
N VAL A 121 -5.64 -11.98 1.15
CA VAL A 121 -5.68 -12.80 -0.09
C VAL A 121 -4.34 -13.49 -0.39
N ALA A 122 -3.25 -13.05 0.23
CA ALA A 122 -1.92 -13.63 -0.07
C ALA A 122 -1.91 -15.15 0.12
N PRO A 123 -2.45 -15.72 1.23
CA PRO A 123 -2.33 -17.20 1.45
C PRO A 123 -2.93 -17.99 0.30
N ARG A 124 -4.06 -17.54 -0.20
CA ARG A 124 -4.72 -18.34 -1.25
C ARG A 124 -4.00 -18.13 -2.59
N LEU A 125 -3.04 -17.23 -2.65
CA LEU A 125 -2.23 -17.04 -3.87
C LEU A 125 -0.90 -17.76 -3.64
N GLY A 126 -0.79 -18.55 -2.59
CA GLY A 126 0.40 -19.37 -2.38
C GLY A 126 1.43 -18.72 -1.48
N ILE A 127 1.08 -17.57 -0.89
CA ILE A 127 2.08 -16.84 -0.06
C ILE A 127 1.84 -17.19 1.41
N ASP A 128 2.79 -17.91 2.00
CA ASP A 128 2.63 -18.39 3.39
C ASP A 128 2.91 -17.25 4.37
N LEU A 129 1.91 -16.90 5.16
CA LEU A 129 2.09 -15.82 6.16
C LEU A 129 2.20 -16.41 7.57
N SER A 130 2.61 -17.68 7.63
CA SER A 130 2.82 -18.35 8.94
C SER A 130 3.72 -17.48 9.84
N GLY A 131 3.29 -17.31 11.07
CA GLY A 131 4.15 -16.62 12.04
C GLY A 131 4.02 -15.12 11.99
N ILE A 132 3.38 -14.58 10.96
CA ILE A 132 3.35 -13.09 10.87
C ILE A 132 2.11 -12.55 11.59
N ASN A 133 2.36 -11.71 12.58
CA ASN A 133 1.26 -11.09 13.36
C ASN A 133 0.85 -9.81 12.63
N VAL A 134 -0.19 -9.91 11.83
CA VAL A 134 -0.67 -8.72 11.07
C VAL A 134 -1.16 -7.65 12.05
N ASP A 135 -1.85 -8.03 13.11
CA ASP A 135 -2.38 -7.01 14.05
C ASP A 135 -1.22 -6.16 14.57
N SER A 136 -0.16 -6.83 15.02
CA SER A 136 0.99 -6.10 15.62
C SER A 136 1.71 -5.29 14.55
N ASP A 137 1.84 -5.87 13.36
CA ASP A 137 2.53 -5.15 12.26
C ASP A 137 1.78 -3.85 11.97
N ILE A 138 0.47 -3.94 11.85
CA ILE A 138 -0.33 -2.72 11.56
C ILE A 138 -0.18 -1.71 12.71
N GLY A 139 -0.29 -2.19 13.95
CA GLY A 139 -0.13 -1.27 15.10
C GLY A 139 1.23 -0.59 15.08
N SER A 140 2.25 -1.32 14.69
CA SER A 140 3.62 -0.77 14.69
C SER A 140 3.73 0.34 13.64
N VAL A 141 3.20 0.10 12.46
CA VAL A 141 3.45 1.13 11.41
C VAL A 141 2.50 2.33 11.57
N THR A 142 1.30 2.14 12.09
CA THR A 142 0.46 3.34 12.36
C THR A 142 1.10 4.13 13.49
N SER A 143 1.66 3.46 14.49
CA SER A 143 2.37 4.17 15.59
C SER A 143 3.60 4.91 15.03
N LEU A 144 4.31 4.35 14.04
CA LEU A 144 5.41 5.07 13.36
C LEU A 144 4.87 6.37 12.75
N ILE A 145 3.76 6.26 12.03
CA ILE A 145 3.19 7.47 11.37
C ILE A 145 2.76 8.51 12.42
N LEU A 146 2.12 8.08 13.50
CA LEU A 146 1.52 9.08 14.41
C LEU A 146 2.51 9.56 15.49
N SER A 147 3.60 8.84 15.71
CA SER A 147 4.52 9.25 16.80
C SER A 147 5.94 9.45 16.28
N GLY A 148 6.30 8.80 15.18
CA GLY A 148 7.70 8.65 14.80
C GLY A 148 8.42 9.83 14.29
#